data_5SZT
#
_entry.id   5SZT
#
_cell.length_a   108.425
_cell.length_b   108.425
_cell.length_c   90.615
_cell.angle_alpha   90.00
_cell.angle_beta   90.00
_cell.angle_gamma   120.00
#
_symmetry.space_group_name_H-M   'P 31 2 1'
#
loop_
_entity.id
_entity.type
_entity.pdbx_description
1 polymer 'DNA polymerase I, thermostable'
2 polymer "DNA (5'-D(*GP*AP*CP*CP*AP*CP*GP*GP*CP*GP*CP*(DOC))-3')"
3 polymer "DNA (5'-D(*AP*AP*AP*TP*GP*GP*CP*GP*CP*CP*GP*TP*GP*GP*TP*C)-3')"
4 non-polymer 'MAGNESIUM ION'
5 non-polymer GLYCEROL
6 non-polymer 'ACETATE ION'
7 non-polymer "7-(N-(10-hydroxydecanoyl)-aminopentenyl)-7-deaza-2'-dATP"
8 water water
#
loop_
_entity_poly.entity_id
_entity_poly.type
_entity_poly.pdbx_seq_one_letter_code
_entity_poly.pdbx_strand_id
1 'polypeptide(L)'
;ALEEAPWPPPEGAFVGFVLSRKEPMWADLLALAAARGGRVHRAPEPYKALRDLKEARGLLAKDLSVLALREGLGLPPGDD
PMLLAYLLDPSNTTPEGVARRYGGEWTEEAGERAALSERLFANLWGRLEGEERLLWLYREVERPLSAVLAHMEATGVRLD
VAYLRALSLEVAEEIARLEAEVFRLAGHPFNLNSRDQLERVLFDELGLPAIGKTEKTGKRSTSAAVLEALREAHPIVEKI
LQYRELTKLKSTYIDPLPDLIHPRTGRLHTRFNQTATATGRLSSSDPNLQNIPVRTPLGQRIRRAFIAEEGWLLVALDYS
QIELRVLAHLSGDENLIRVFQEGRDIHTETASWMFGVPREAVDPLMRRAAKTINFGVLYGMSAHRLSQELAIPYEEAQAF
IERYFQSFPKVRAWIEKTLEEGRRRGYVETLFGRRRYVPDLEARVKSVREAAERMAFNMPVQGTAADLMKLAMVKLFPRL
EEMGARMLLQVHDELVLEAPKERAEAVARLAKEVMEGVYPLAVPLEVEVGIGEDWLSAKE
;
A
2 'polydeoxyribonucleotide' (DG)(DA)(DC)(DC)(DA)(DC)(DG)(DG)(DC)(DG)(DC)(DOC) B
3 'polydeoxyribonucleotide' (DA)(DA)(DA)(DT)(DG)(DG)(DC)(DG)(DC)(DC)(DG)(DT)(DG)(DG)(DT)(DC) C
#
# COMPACT_ATOMS: atom_id res chain seq x y z
N ALA A 1 0.83 -5.10 39.91
CA ALA A 1 -0.45 -5.46 40.51
C ALA A 1 -1.31 -4.22 40.72
N LEU A 2 -2.04 -3.82 39.68
CA LEU A 2 -2.91 -2.66 39.76
C LEU A 2 -4.13 -2.97 40.62
N GLU A 3 -4.62 -1.95 41.32
CA GLU A 3 -5.84 -2.10 42.10
C GLU A 3 -7.02 -2.37 41.18
N GLU A 4 -7.80 -3.40 41.51
CA GLU A 4 -9.03 -3.69 40.78
C GLU A 4 -10.03 -2.58 41.06
N ALA A 5 -10.18 -1.67 40.11
CA ALA A 5 -11.06 -0.53 40.27
C ALA A 5 -12.34 -0.73 39.45
N PRO A 6 -13.41 -0.03 39.81
CA PRO A 6 -14.69 -0.21 39.11
C PRO A 6 -14.82 0.65 37.88
N TRP A 7 -15.51 0.11 36.89
CA TRP A 7 -15.88 0.88 35.72
C TRP A 7 -16.85 2.00 36.12
N PRO A 8 -16.78 3.19 35.51
CA PRO A 8 -15.96 3.70 34.39
C PRO A 8 -14.54 4.10 34.79
N PRO A 9 -13.65 4.22 33.80
CA PRO A 9 -12.30 4.70 34.07
C PRO A 9 -12.27 6.22 34.09
N PRO A 10 -11.23 6.82 34.67
CA PRO A 10 -11.09 8.27 34.57
C PRO A 10 -10.63 8.68 33.18
N GLU A 11 -10.79 9.96 32.89
CA GLU A 11 -10.41 10.48 31.58
C GLU A 11 -8.91 10.29 31.36
N GLY A 12 -8.55 9.89 30.14
CA GLY A 12 -7.14 9.70 29.79
C GLY A 12 -6.59 8.31 30.05
N ALA A 13 -7.41 7.38 30.54
CA ALA A 13 -6.93 6.04 30.81
C ALA A 13 -6.57 5.31 29.51
N PHE A 14 -5.70 4.32 29.64
CA PHE A 14 -5.28 3.52 28.50
C PHE A 14 -6.16 2.28 28.41
N VAL A 15 -6.66 2.01 27.23
CA VAL A 15 -7.64 0.93 27.02
C VAL A 15 -6.93 -0.34 26.59
N GLY A 16 -7.51 -1.46 26.99
CA GLY A 16 -7.15 -2.75 26.43
C GLY A 16 -8.41 -3.48 26.02
N PHE A 17 -8.30 -4.26 24.95
CA PHE A 17 -9.48 -4.91 24.38
C PHE A 17 -9.06 -6.19 23.67
N VAL A 18 -10.01 -7.13 23.61
CA VAL A 18 -9.80 -8.42 22.96
C VAL A 18 -10.91 -8.62 21.93
N LEU A 19 -10.50 -8.92 20.70
CA LEU A 19 -11.43 -9.17 19.61
C LEU A 19 -11.47 -10.66 19.30
N SER A 20 -12.66 -11.13 18.89
CA SER A 20 -12.79 -12.52 18.46
C SER A 20 -11.96 -12.80 17.22
N ARG A 21 -11.63 -11.77 16.45
CA ARG A 21 -10.84 -11.91 15.23
C ARG A 21 -10.19 -10.56 14.93
N LYS A 22 -9.18 -10.58 14.06
CA LYS A 22 -8.35 -9.40 13.88
C LYS A 22 -9.09 -8.25 13.21
N GLU A 23 -10.10 -8.55 12.39
CA GLU A 23 -10.78 -7.52 11.61
C GLU A 23 -11.78 -6.76 12.45
N PRO A 24 -11.54 -5.49 12.76
CA PRO A 24 -12.48 -4.76 13.65
C PRO A 24 -13.91 -4.70 13.11
N MET A 25 -14.08 -4.58 11.79
CA MET A 25 -15.44 -4.51 11.25
C MET A 25 -16.20 -5.81 11.40
N TRP A 26 -15.52 -6.93 11.61
CA TRP A 26 -16.16 -8.23 11.74
C TRP A 26 -16.09 -8.79 13.16
N ALA A 27 -15.33 -8.16 14.04
CA ALA A 27 -14.99 -8.77 15.31
C ALA A 27 -16.09 -8.61 16.35
N ASP A 28 -16.19 -9.60 17.22
CA ASP A 28 -16.96 -9.50 18.45
C ASP A 28 -16.05 -8.94 19.54
N LEU A 29 -16.53 -7.91 20.25
CA LEU A 29 -15.75 -7.29 21.32
C LEU A 29 -15.87 -8.17 22.56
N LEU A 30 -14.88 -9.05 22.74
CA LEU A 30 -14.95 -10.04 23.82
C LEU A 30 -14.71 -9.42 25.19
N ALA A 31 -13.87 -8.39 25.26
CA ALA A 31 -13.51 -7.82 26.56
C ALA A 31 -12.97 -6.41 26.35
N LEU A 32 -13.14 -5.59 27.39
CA LEU A 32 -12.70 -4.21 27.37
C LEU A 32 -12.25 -3.83 28.77
N ALA A 33 -11.12 -3.13 28.87
CA ALA A 33 -10.56 -2.74 30.14
C ALA A 33 -9.78 -1.45 29.97
N ALA A 34 -9.42 -0.84 31.09
CA ALA A 34 -8.67 0.41 31.06
C ALA A 34 -7.76 0.47 32.28
N ALA A 35 -6.68 1.24 32.15
CA ALA A 35 -5.69 1.36 33.21
C ALA A 35 -5.23 2.81 33.33
N ARG A 36 -5.10 3.27 34.58
CA ARG A 36 -4.62 4.62 34.84
C ARG A 36 -4.36 4.75 36.34
N GLY A 37 -3.30 5.48 36.69
CA GLY A 37 -3.01 5.78 38.08
C GLY A 37 -2.96 4.54 38.95
N GLY A 38 -2.28 3.50 38.50
CA GLY A 38 -2.14 2.29 39.29
C GLY A 38 -3.43 1.55 39.51
N ARG A 39 -4.41 1.70 38.61
CA ARG A 39 -5.67 0.99 38.68
C ARG A 39 -5.94 0.29 37.36
N VAL A 40 -6.67 -0.81 37.43
CA VAL A 40 -7.20 -1.48 36.25
C VAL A 40 -8.71 -1.52 36.39
N HIS A 41 -9.41 -1.03 35.38
CA HIS A 41 -10.87 -1.03 35.34
C HIS A 41 -11.30 -2.02 34.26
N ARG A 42 -11.95 -3.10 34.67
CA ARG A 42 -12.43 -4.12 33.75
C ARG A 42 -13.93 -3.96 33.55
N ALA A 43 -14.34 -3.85 32.29
CA ALA A 43 -15.73 -3.54 31.97
C ALA A 43 -16.60 -4.80 32.11
N PRO A 44 -17.69 -4.74 32.87
CA PRO A 44 -18.54 -5.93 32.98
C PRO A 44 -19.19 -6.33 31.67
N GLU A 45 -19.56 -5.36 30.84
CA GLU A 45 -20.13 -5.62 29.52
C GLU A 45 -19.39 -4.75 28.51
N PRO A 46 -18.58 -5.34 27.62
CA PRO A 46 -17.71 -4.51 26.75
C PRO A 46 -18.48 -3.52 25.89
N TYR A 47 -19.55 -3.96 25.22
CA TYR A 47 -20.21 -3.09 24.24
C TYR A 47 -20.81 -1.86 24.91
N LYS A 48 -21.58 -2.06 25.98
CA LYS A 48 -22.12 -0.93 26.73
C LYS A 48 -20.99 -0.04 27.26
N ALA A 49 -19.89 -0.65 27.67
CA ALA A 49 -18.78 0.11 28.25
C ALA A 49 -18.09 1.01 27.25
N LEU A 50 -18.17 0.71 25.95
CA LEU A 50 -17.59 1.58 24.94
C LEU A 50 -18.11 3.01 25.08
N ARG A 51 -19.38 3.15 25.46
CA ARG A 51 -20.01 4.45 25.50
C ARG A 51 -19.46 5.36 26.59
N ASP A 52 -18.74 4.79 27.57
CA ASP A 52 -18.14 5.59 28.63
C ASP A 52 -16.80 6.20 28.24
N LEU A 53 -16.20 5.77 27.12
CA LEU A 53 -14.92 6.29 26.70
C LEU A 53 -15.11 7.45 25.75
N LYS A 54 -14.23 8.44 25.85
CA LYS A 54 -14.22 9.56 24.93
C LYS A 54 -13.06 9.51 23.94
N GLU A 55 -12.11 8.59 24.12
CA GLU A 55 -11.09 8.35 23.10
C GLU A 55 -10.52 6.96 23.31
N ALA A 56 -10.07 6.35 22.21
CA ALA A 56 -9.37 5.08 22.25
C ALA A 56 -7.88 5.37 22.37
N ARG A 57 -7.33 5.11 23.55
CA ARG A 57 -5.94 5.42 23.86
C ARG A 57 -5.22 4.15 24.29
N GLY A 58 -4.33 3.64 23.44
CA GLY A 58 -3.58 2.44 23.76
C GLY A 58 -3.19 1.70 22.51
N LEU A 59 -2.66 0.49 22.72
CA LEU A 59 -2.23 -0.36 21.62
C LEU A 59 -3.38 -0.63 20.67
N LEU A 60 -3.11 -0.47 19.36
CA LEU A 60 -4.09 -0.74 18.31
C LEU A 60 -5.36 0.10 18.51
N ALA A 61 -5.17 1.35 18.94
CA ALA A 61 -6.31 2.24 19.20
C ALA A 61 -7.24 2.33 18.00
N LYS A 62 -6.69 2.38 16.79
CA LYS A 62 -7.53 2.52 15.60
C LYS A 62 -8.52 1.37 15.49
N ASP A 63 -8.06 0.13 15.72
CA ASP A 63 -8.93 -1.02 15.58
C ASP A 63 -10.17 -0.88 16.47
N LEU A 64 -9.98 -0.47 17.73
CA LEU A 64 -11.13 -0.27 18.60
C LEU A 64 -12.01 0.87 18.11
N SER A 65 -11.40 1.95 17.61
CA SER A 65 -12.18 3.07 17.11
C SER A 65 -13.04 2.66 15.92
N VAL A 66 -12.48 1.83 15.03
CA VAL A 66 -13.28 1.33 13.89
C VAL A 66 -14.49 0.56 14.40
N LEU A 67 -14.27 -0.33 15.38
CA LEU A 67 -15.38 -1.09 15.93
C LEU A 67 -16.42 -0.18 16.58
N ALA A 68 -15.96 0.86 17.28
CA ALA A 68 -16.90 1.80 17.88
C ALA A 68 -17.69 2.54 16.81
N LEU A 69 -17.03 2.97 15.74
CA LEU A 69 -17.73 3.60 14.63
C LEU A 69 -18.76 2.65 14.03
N ARG A 70 -18.40 1.37 13.90
CA ARG A 70 -19.36 0.37 13.44
C ARG A 70 -20.62 0.39 14.30
N GLU A 71 -20.46 0.53 15.62
CA GLU A 71 -21.58 0.54 16.54
C GLU A 71 -22.22 1.92 16.67
N GLY A 72 -21.90 2.86 15.79
CA GLY A 72 -22.49 4.17 15.83
C GLY A 72 -21.93 5.09 16.90
N LEU A 73 -20.76 4.77 17.43
CA LEU A 73 -20.12 5.57 18.49
C LEU A 73 -18.93 6.31 17.90
N GLY A 74 -18.88 7.62 18.14
CA GLY A 74 -17.78 8.42 17.66
C GLY A 74 -16.62 8.45 18.63
N LEU A 75 -15.91 7.33 18.74
CA LEU A 75 -14.79 7.18 19.66
C LEU A 75 -13.49 7.31 18.87
N PRO A 76 -12.84 8.47 18.84
CA PRO A 76 -11.65 8.63 18.00
C PRO A 76 -10.44 8.00 18.65
N PRO A 77 -9.48 7.52 17.85
CA PRO A 77 -8.25 6.98 18.43
C PRO A 77 -7.29 8.09 18.81
N GLY A 78 -6.63 7.91 19.95
CA GLY A 78 -5.62 8.86 20.40
C GLY A 78 -4.24 8.24 20.40
N ASP A 79 -3.51 8.41 21.50
CA ASP A 79 -2.16 7.86 21.61
C ASP A 79 -2.19 6.35 21.39
N ASP A 80 -1.17 5.84 20.70
CA ASP A 80 -1.01 4.42 20.47
C ASP A 80 0.48 4.09 20.55
N PRO A 81 0.92 3.28 21.51
CA PRO A 81 2.36 2.96 21.59
C PRO A 81 2.91 2.32 20.32
N MET A 82 2.07 1.66 19.52
CA MET A 82 2.55 1.10 18.27
C MET A 82 3.09 2.19 17.34
N LEU A 83 2.43 3.34 17.31
CA LEU A 83 2.88 4.42 16.44
C LEU A 83 4.18 5.03 16.92
N LEU A 84 4.37 5.12 18.24
CA LEU A 84 5.65 5.57 18.76
C LEU A 84 6.76 4.60 18.39
N ALA A 85 6.52 3.31 18.59
CA ALA A 85 7.55 2.31 18.29
C ALA A 85 7.85 2.27 16.81
N TYR A 86 6.82 2.43 15.97
CA TYR A 86 7.01 2.35 14.52
C TYR A 86 7.86 3.51 14.01
N LEU A 87 7.68 4.70 14.60
CA LEU A 87 8.49 5.84 14.20
C LEU A 87 9.93 5.70 14.68
N LEU A 88 10.12 5.14 15.88
CA LEU A 88 11.48 4.88 16.37
C LEU A 88 12.21 3.92 15.44
N ASP A 89 11.53 2.86 15.01
CA ASP A 89 12.11 1.80 14.19
C ASP A 89 10.97 1.09 13.48
N PRO A 90 10.79 1.27 12.17
CA PRO A 90 9.62 0.68 11.51
C PRO A 90 9.65 -0.82 11.41
N SER A 91 10.72 -1.49 11.86
CA SER A 91 10.63 -2.93 12.06
C SER A 91 9.76 -3.29 13.25
N ASN A 92 9.34 -2.29 14.03
CA ASN A 92 8.35 -2.48 15.10
C ASN A 92 6.97 -2.48 14.46
N THR A 93 6.49 -3.66 14.09
CA THR A 93 5.23 -3.79 13.36
C THR A 93 4.13 -4.53 14.12
N THR A 94 4.47 -5.28 15.17
CA THR A 94 3.48 -6.08 15.88
C THR A 94 3.47 -5.74 17.36
N PRO A 95 2.31 -5.86 18.02
CA PRO A 95 2.30 -5.66 19.47
C PRO A 95 3.07 -6.75 20.21
N GLU A 96 3.14 -7.96 19.66
CA GLU A 96 3.99 -8.99 20.23
C GLU A 96 5.44 -8.50 20.34
N GLY A 97 5.99 -8.00 19.23
CA GLY A 97 7.38 -7.56 19.25
C GLY A 97 7.59 -6.31 20.06
N VAL A 98 6.72 -5.32 19.89
CA VAL A 98 6.86 -4.06 20.63
C VAL A 98 6.87 -4.33 22.13
N ALA A 99 5.94 -5.17 22.60
CA ALA A 99 5.86 -5.47 24.02
C ALA A 99 7.17 -6.08 24.52
N ARG A 100 7.65 -7.13 23.87
CA ARG A 100 8.89 -7.76 24.29
C ARG A 100 10.05 -6.79 24.25
N ARG A 101 10.02 -5.82 23.33
CA ARG A 101 11.16 -4.92 23.16
C ARG A 101 11.13 -3.75 24.14
N TYR A 102 9.94 -3.30 24.57
CA TYR A 102 9.84 -2.07 25.35
C TYR A 102 9.17 -2.27 26.71
N GLY A 103 8.97 -3.52 27.15
CA GLY A 103 8.73 -3.76 28.56
C GLY A 103 7.44 -4.45 28.95
N GLY A 104 7.06 -5.51 28.24
CA GLY A 104 5.87 -6.25 28.62
C GLY A 104 5.66 -7.46 27.76
N GLU A 105 4.45 -8.01 27.86
CA GLU A 105 4.06 -9.18 27.09
C GLU A 105 2.65 -8.99 26.58
N TRP A 106 2.45 -9.24 25.28
CA TRP A 106 1.16 -9.12 24.64
C TRP A 106 0.38 -10.40 24.89
N THR A 107 -0.57 -10.36 25.84
CA THR A 107 -1.37 -11.51 26.20
C THR A 107 -2.72 -11.44 25.48
N GLU A 108 -3.70 -12.21 25.96
CA GLU A 108 -5.03 -12.24 25.39
C GLU A 108 -6.08 -11.76 26.40
N GLU A 109 -5.70 -10.82 27.27
CA GLU A 109 -6.54 -10.37 28.36
C GLU A 109 -6.58 -8.85 28.34
N ALA A 110 -7.80 -8.29 28.24
CA ALA A 110 -7.94 -6.84 28.09
C ALA A 110 -7.25 -6.09 29.22
N GLY A 111 -7.43 -6.54 30.46
CA GLY A 111 -6.80 -5.85 31.58
C GLY A 111 -5.29 -5.78 31.44
N GLU A 112 -4.67 -6.93 31.14
CA GLU A 112 -3.22 -6.94 30.94
C GLU A 112 -2.83 -6.09 29.75
N ARG A 113 -3.66 -6.10 28.69
CA ARG A 113 -3.37 -5.28 27.51
C ARG A 113 -3.49 -3.79 27.83
N ALA A 114 -4.44 -3.42 28.69
CA ALA A 114 -4.56 -2.02 29.10
C ALA A 114 -3.36 -1.60 29.94
N ALA A 115 -2.99 -2.42 30.92
CA ALA A 115 -1.81 -2.11 31.73
C ALA A 115 -0.56 -2.10 30.86
N LEU A 116 -0.50 -2.98 29.87
CA LEU A 116 0.62 -2.98 28.93
C LEU A 116 0.66 -1.69 28.12
N SER A 117 -0.50 -1.25 27.61
CA SER A 117 -0.54 0.00 26.87
C SER A 117 0.02 1.14 27.71
N GLU A 118 -0.35 1.19 28.99
CA GLU A 118 0.13 2.25 29.87
C GLU A 118 1.65 2.19 30.01
N ARG A 119 2.17 1.02 30.38
CA ARG A 119 3.61 0.85 30.53
C ARG A 119 4.35 1.23 29.27
N LEU A 120 3.97 0.63 28.13
CA LEU A 120 4.71 0.85 26.90
C LEU A 120 4.69 2.31 26.48
N PHE A 121 3.58 3.00 26.70
CA PHE A 121 3.51 4.41 26.31
C PHE A 121 4.50 5.23 27.12
N ALA A 122 4.54 5.03 28.44
CA ALA A 122 5.52 5.70 29.28
C ALA A 122 6.92 5.51 28.73
N ASN A 123 7.32 4.24 28.56
CA ASN A 123 8.68 3.96 28.12
C ASN A 123 8.93 4.56 26.74
N LEU A 124 8.04 4.28 25.79
CA LEU A 124 8.26 4.73 24.42
C LEU A 124 8.25 6.25 24.32
N TRP A 125 7.31 6.91 25.01
CA TRP A 125 7.33 8.36 25.03
C TRP A 125 8.68 8.86 25.54
N GLY A 126 9.23 8.20 26.55
CA GLY A 126 10.56 8.57 27.04
C GLY A 126 11.62 8.42 25.96
N ARG A 127 11.54 7.33 25.19
CA ARG A 127 12.53 7.12 24.13
C ARG A 127 12.42 8.19 23.05
N LEU A 128 11.24 8.79 22.89
CA LEU A 128 11.00 9.71 21.79
C LEU A 128 11.08 11.17 22.18
N GLU A 129 11.45 11.49 23.43
CA GLU A 129 11.70 12.86 23.79
C GLU A 129 13.14 13.22 23.40
N GLY A 130 13.31 14.38 22.76
CA GLY A 130 14.55 14.76 22.13
C GLY A 130 14.58 14.48 20.64
N GLU A 131 13.84 13.47 20.19
CA GLU A 131 13.67 13.18 18.77
C GLU A 131 12.54 14.06 18.25
N GLU A 132 12.85 15.34 18.05
N GLU A 132 12.87 15.34 18.07
CA GLU A 132 11.79 16.30 17.76
CA GLU A 132 11.86 16.33 17.73
C GLU A 132 11.21 16.12 16.36
C GLU A 132 11.21 16.04 16.39
N ARG A 133 12.00 15.61 15.40
CA ARG A 133 11.44 15.35 14.08
C ARG A 133 10.48 14.17 14.11
N LEU A 134 10.85 13.10 14.82
CA LEU A 134 9.93 11.98 14.99
C LEU A 134 8.71 12.39 15.79
N LEU A 135 8.91 13.18 16.84
CA LEU A 135 7.78 13.67 17.63
C LEU A 135 6.83 14.47 16.76
N TRP A 136 7.37 15.28 15.84
CA TRP A 136 6.54 16.02 14.90
C TRP A 136 5.74 15.09 14.01
N LEU A 137 6.39 14.03 13.50
CA LEU A 137 5.66 13.06 12.68
C LEU A 137 4.55 12.38 13.48
N TYR A 138 4.78 12.16 14.77
CA TYR A 138 3.75 11.53 15.60
C TYR A 138 2.57 12.47 15.82
N ARG A 139 2.85 13.70 16.23
CA ARG A 139 1.77 14.64 16.57
C ARG A 139 1.05 15.13 15.32
N GLU A 140 1.77 15.34 14.23
CA GLU A 140 1.22 16.01 13.07
C GLU A 140 0.84 15.07 11.93
N VAL A 141 1.24 13.81 11.97
CA VAL A 141 0.92 12.88 10.89
C VAL A 141 0.27 11.62 11.43
N GLU A 142 1.05 10.77 12.10
CA GLU A 142 0.59 9.42 12.41
C GLU A 142 -0.63 9.44 13.35
N ARG A 143 -0.52 10.12 14.49
CA ARG A 143 -1.64 10.12 15.42
C ARG A 143 -2.91 10.68 14.78
N PRO A 144 -2.91 11.88 14.17
CA PRO A 144 -4.13 12.33 13.49
C PRO A 144 -4.53 11.45 12.32
N LEU A 145 -3.56 10.86 11.60
CA LEU A 145 -3.90 9.99 10.49
C LEU A 145 -4.70 8.78 10.96
N SER A 146 -4.38 8.25 12.14
CA SER A 146 -5.09 7.08 12.63
C SER A 146 -6.59 7.34 12.71
N ALA A 147 -6.97 8.53 13.18
CA ALA A 147 -8.39 8.90 13.18
C ALA A 147 -8.96 8.86 11.76
N VAL A 148 -8.22 9.41 10.80
CA VAL A 148 -8.68 9.41 9.41
C VAL A 148 -8.86 7.97 8.92
N LEU A 149 -7.86 7.13 9.12
CA LEU A 149 -7.95 5.74 8.67
C LEU A 149 -9.12 5.02 9.32
N ALA A 150 -9.39 5.31 10.60
CA ALA A 150 -10.51 4.68 11.28
C ALA A 150 -11.82 4.99 10.55
N HIS A 151 -12.03 6.24 10.14
CA HIS A 151 -13.25 6.59 9.42
C HIS A 151 -13.28 5.93 8.04
N MET A 152 -12.14 5.89 7.35
CA MET A 152 -12.09 5.20 6.06
C MET A 152 -12.49 3.75 6.21
N GLU A 153 -11.92 3.06 7.20
CA GLU A 153 -12.21 1.64 7.39
C GLU A 153 -13.68 1.41 7.72
N ALA A 154 -14.26 2.25 8.57
CA ALA A 154 -15.66 2.07 8.95
C ALA A 154 -16.62 2.46 7.84
N THR A 155 -16.18 3.29 6.89
CA THR A 155 -17.06 3.74 5.82
C THR A 155 -17.23 2.65 4.77
N GLY A 156 -16.13 2.08 4.29
CA GLY A 156 -16.19 1.05 3.27
C GLY A 156 -16.44 1.63 1.89
N VAL A 157 -16.53 0.72 0.92
CA VAL A 157 -16.77 1.09 -0.47
C VAL A 157 -17.84 0.16 -1.03
N ARG A 158 -18.68 0.70 -1.92
CA ARG A 158 -19.77 -0.06 -2.50
C ARG A 158 -19.26 -0.91 -3.66
N LEU A 159 -19.81 -2.11 -3.79
CA LEU A 159 -19.35 -3.08 -4.77
C LEU A 159 -20.54 -3.68 -5.50
N ASP A 160 -20.47 -3.72 -6.84
CA ASP A 160 -21.52 -4.31 -7.66
C ASP A 160 -21.39 -5.83 -7.57
N VAL A 161 -22.07 -6.40 -6.58
CA VAL A 161 -21.95 -7.83 -6.29
C VAL A 161 -22.51 -8.66 -7.45
N ALA A 162 -23.74 -8.37 -7.87
CA ALA A 162 -24.38 -9.15 -8.93
C ALA A 162 -23.50 -9.16 -10.18
N TYR A 163 -22.92 -8.00 -10.51
CA TYR A 163 -21.99 -7.90 -11.62
C TYR A 163 -20.87 -8.93 -11.51
N LEU A 164 -20.24 -9.02 -10.34
CA LEU A 164 -19.13 -9.94 -10.17
C LEU A 164 -19.59 -11.39 -10.17
N ARG A 165 -20.77 -11.66 -9.61
CA ARG A 165 -21.32 -13.02 -9.68
C ARG A 165 -21.48 -13.46 -11.14
N ALA A 166 -22.08 -12.60 -11.96
CA ALA A 166 -22.24 -12.92 -13.38
C ALA A 166 -20.89 -13.09 -14.05
N LEU A 167 -19.93 -12.24 -13.70
CA LEU A 167 -18.60 -12.33 -14.32
C LEU A 167 -17.94 -13.66 -13.99
N SER A 168 -18.06 -14.12 -12.74
CA SER A 168 -17.48 -15.40 -12.36
C SER A 168 -17.89 -16.52 -13.32
N LEU A 169 -19.19 -16.61 -13.60
CA LEU A 169 -19.68 -17.68 -14.48
C LEU A 169 -19.06 -17.59 -15.86
N GLU A 170 -18.94 -16.36 -16.39
N GLU A 170 -18.94 -16.37 -16.40
CA GLU A 170 -18.30 -16.16 -17.69
CA GLU A 170 -18.31 -16.20 -17.70
C GLU A 170 -16.84 -16.59 -17.65
C GLU A 170 -16.84 -16.60 -17.66
N VAL A 171 -16.12 -16.19 -16.61
CA VAL A 171 -14.70 -16.51 -16.51
C VAL A 171 -14.50 -18.01 -16.30
N ALA A 172 -15.38 -18.65 -15.53
CA ALA A 172 -15.27 -20.09 -15.32
C ALA A 172 -15.25 -20.84 -16.63
N GLU A 173 -16.15 -20.49 -17.55
CA GLU A 173 -16.23 -21.20 -18.83
C GLU A 173 -14.95 -20.99 -19.65
N GLU A 174 -14.40 -19.78 -19.63
CA GLU A 174 -13.17 -19.52 -20.38
C GLU A 174 -11.99 -20.25 -19.77
N ILE A 175 -11.94 -20.33 -18.44
CA ILE A 175 -10.89 -21.10 -17.78
C ILE A 175 -10.94 -22.56 -18.22
N ALA A 176 -12.15 -23.12 -18.33
CA ALA A 176 -12.30 -24.50 -18.77
C ALA A 176 -11.79 -24.68 -20.20
N ARG A 177 -12.08 -23.71 -21.07
CA ARG A 177 -11.54 -23.75 -22.44
C ARG A 177 -10.02 -23.81 -22.42
N LEU A 178 -9.40 -22.97 -21.60
CA LEU A 178 -7.94 -22.89 -21.59
C LEU A 178 -7.31 -24.15 -21.00
N GLU A 179 -7.85 -24.64 -19.88
CA GLU A 179 -7.25 -25.81 -19.24
C GLU A 179 -7.43 -27.06 -20.09
N ALA A 180 -8.59 -27.18 -20.75
CA ALA A 180 -8.78 -28.30 -21.66
C ALA A 180 -7.77 -28.27 -22.81
N GLU A 181 -7.50 -27.07 -23.34
CA GLU A 181 -6.51 -26.95 -24.40
C GLU A 181 -5.12 -27.29 -23.88
N VAL A 182 -4.79 -26.84 -22.66
CA VAL A 182 -3.51 -27.19 -22.06
C VAL A 182 -3.38 -28.69 -21.91
N PHE A 183 -4.42 -29.34 -21.36
CA PHE A 183 -4.37 -30.78 -21.14
C PHE A 183 -4.19 -31.52 -22.46
N ARG A 184 -4.88 -31.09 -23.51
CA ARG A 184 -4.70 -31.71 -24.81
C ARG A 184 -3.25 -31.60 -25.27
N LEU A 185 -2.69 -30.39 -25.18
CA LEU A 185 -1.32 -30.19 -25.61
C LEU A 185 -0.34 -30.98 -24.74
N ALA A 186 -0.64 -31.13 -23.45
CA ALA A 186 0.20 -31.94 -22.57
C ALA A 186 0.04 -33.42 -22.84
N GLY A 187 -1.05 -33.83 -23.49
CA GLY A 187 -1.34 -35.23 -23.70
C GLY A 187 -2.04 -35.91 -22.55
N HIS A 188 -2.32 -35.20 -21.46
CA HIS A 188 -2.95 -35.79 -20.29
C HIS A 188 -3.34 -34.65 -19.35
N PRO A 189 -4.30 -34.90 -18.45
CA PRO A 189 -4.61 -33.90 -17.43
C PRO A 189 -3.66 -33.94 -16.26
N PHE A 190 -3.61 -32.83 -15.55
CA PHE A 190 -2.82 -32.68 -14.33
C PHE A 190 -3.34 -31.41 -13.66
N ASN A 191 -2.87 -31.16 -12.44
CA ASN A 191 -3.30 -29.96 -11.73
C ASN A 191 -2.53 -28.77 -12.30
N LEU A 192 -3.19 -28.01 -13.19
CA LEU A 192 -2.56 -26.85 -13.80
C LEU A 192 -2.28 -25.75 -12.78
N ASN A 193 -2.91 -25.80 -11.61
CA ASN A 193 -2.60 -24.86 -10.53
C ASN A 193 -1.32 -25.22 -9.79
N SER A 194 -0.85 -26.46 -9.92
CA SER A 194 0.35 -26.91 -9.23
C SER A 194 1.57 -26.60 -10.10
N ARG A 195 2.38 -25.64 -9.66
CA ARG A 195 3.57 -25.29 -10.43
C ARG A 195 4.59 -26.42 -10.43
N ASP A 196 4.56 -27.32 -9.44
CA ASP A 196 5.45 -28.48 -9.49
C ASP A 196 5.05 -29.43 -10.61
N GLN A 197 3.75 -29.69 -10.76
CA GLN A 197 3.30 -30.56 -11.85
C GLN A 197 3.54 -29.90 -13.20
N LEU A 198 3.30 -28.59 -13.30
CA LEU A 198 3.57 -27.89 -14.55
C LEU A 198 5.05 -27.94 -14.91
N GLU A 199 5.93 -27.82 -13.92
CA GLU A 199 7.36 -27.87 -14.18
C GLU A 199 7.74 -29.15 -14.91
N ARG A 200 7.23 -30.30 -14.44
CA ARG A 200 7.55 -31.57 -15.07
C ARG A 200 7.03 -31.60 -16.50
N VAL A 201 5.79 -31.16 -16.71
CA VAL A 201 5.22 -31.16 -18.05
C VAL A 201 6.09 -30.34 -18.98
N LEU A 202 6.42 -29.11 -18.58
CA LEU A 202 7.09 -28.18 -19.48
C LEU A 202 8.51 -28.63 -19.77
N PHE A 203 9.24 -29.08 -18.75
CA PHE A 203 10.67 -29.28 -18.86
C PHE A 203 11.09 -30.74 -18.92
N ASP A 204 10.27 -31.67 -18.43
CA ASP A 204 10.59 -33.10 -18.49
C ASP A 204 9.80 -33.82 -19.57
N GLU A 205 8.47 -33.70 -19.56
CA GLU A 205 7.65 -34.38 -20.56
C GLU A 205 7.75 -33.68 -21.91
N LEU A 206 7.40 -32.41 -21.97
CA LEU A 206 7.84 -31.58 -23.06
C LEU A 206 9.34 -31.33 -22.93
N GLY A 207 9.96 -30.86 -23.99
CA GLY A 207 11.40 -30.69 -23.99
C GLY A 207 11.84 -29.25 -23.86
N LEU A 208 11.02 -28.42 -23.23
CA LEU A 208 11.30 -26.99 -23.20
C LEU A 208 12.54 -26.70 -22.36
N PRO A 209 13.32 -25.70 -22.75
CA PRO A 209 14.50 -25.34 -21.96
C PRO A 209 14.11 -24.58 -20.70
N ALA A 210 14.74 -24.94 -19.59
CA ALA A 210 14.54 -24.21 -18.34
C ALA A 210 15.32 -22.91 -18.38
N ILE A 211 14.68 -21.81 -18.01
CA ILE A 211 15.32 -20.50 -18.02
C ILE A 211 15.99 -20.20 -16.69
N GLY A 212 15.25 -20.34 -15.58
CA GLY A 212 15.76 -19.98 -14.28
C GLY A 212 15.27 -20.91 -13.20
N LYS A 213 15.84 -20.74 -12.02
CA LYS A 213 15.54 -21.56 -10.86
C LYS A 213 14.86 -20.72 -9.79
N THR A 214 14.08 -21.37 -8.95
CA THR A 214 13.40 -20.67 -7.87
C THR A 214 14.35 -20.44 -6.70
N GLU A 215 14.02 -19.44 -5.89
CA GLU A 215 14.97 -18.91 -4.92
C GLU A 215 15.31 -19.94 -3.85
N LYS A 216 14.30 -20.43 -3.14
CA LYS A 216 14.54 -21.17 -1.89
C LYS A 216 14.79 -22.65 -2.10
N THR A 217 14.15 -23.28 -3.10
CA THR A 217 14.27 -24.72 -3.29
C THR A 217 14.93 -25.10 -4.60
N GLY A 218 15.24 -24.15 -5.48
CA GLY A 218 16.01 -24.46 -6.67
C GLY A 218 15.27 -25.24 -7.73
N LYS A 219 13.93 -25.21 -7.73
CA LYS A 219 13.20 -25.84 -8.80
C LYS A 219 13.29 -24.98 -10.07
N ARG A 220 13.01 -25.60 -11.21
CA ARG A 220 12.92 -24.86 -12.46
C ARG A 220 11.66 -24.00 -12.45
N SER A 221 11.85 -22.70 -12.63
CA SER A 221 10.76 -21.74 -12.45
C SER A 221 9.76 -21.82 -13.61
N THR A 222 8.49 -21.58 -13.29
CA THR A 222 7.42 -21.49 -14.27
C THR A 222 6.76 -20.11 -14.23
N SER A 223 7.50 -19.10 -13.78
CA SER A 223 6.97 -17.76 -13.62
C SER A 223 6.61 -17.15 -14.97
N ALA A 224 5.78 -16.11 -14.93
CA ALA A 224 5.38 -15.43 -16.16
C ALA A 224 6.59 -15.01 -16.97
N ALA A 225 7.63 -14.49 -16.30
CA ALA A 225 8.84 -14.08 -17.02
C ALA A 225 9.43 -15.24 -17.80
N VAL A 226 9.47 -16.43 -17.20
CA VAL A 226 9.99 -17.60 -17.90
C VAL A 226 9.09 -17.98 -19.06
N LEU A 227 7.79 -18.02 -18.82
CA LEU A 227 6.85 -18.43 -19.87
C LEU A 227 6.87 -17.43 -21.02
N GLU A 228 6.99 -16.14 -20.71
CA GLU A 228 7.15 -15.15 -21.77
C GLU A 228 8.31 -15.52 -22.68
N ALA A 229 9.45 -15.88 -22.09
CA ALA A 229 10.61 -16.28 -22.88
C ALA A 229 10.33 -17.50 -23.76
N LEU A 230 9.30 -18.29 -23.44
CA LEU A 230 8.98 -19.50 -24.16
C LEU A 230 7.70 -19.40 -24.97
N ARG A 231 7.18 -18.18 -25.18
CA ARG A 231 5.90 -18.02 -25.88
C ARG A 231 5.88 -18.77 -27.20
N GLU A 232 7.02 -18.86 -27.88
CA GLU A 232 7.08 -19.46 -29.20
C GLU A 232 7.67 -20.86 -29.21
N ALA A 233 8.27 -21.29 -28.09
CA ALA A 233 8.81 -22.64 -28.01
C ALA A 233 7.73 -23.70 -28.08
N HIS A 234 6.47 -23.34 -27.78
CA HIS A 234 5.39 -24.32 -27.75
C HIS A 234 4.05 -23.60 -27.61
N PRO A 235 3.01 -24.04 -28.32
CA PRO A 235 1.70 -23.37 -28.20
C PRO A 235 1.10 -23.47 -26.80
N ILE A 236 1.56 -24.41 -25.96
CA ILE A 236 0.98 -24.57 -24.63
C ILE A 236 1.29 -23.36 -23.77
N VAL A 237 2.41 -22.69 -24.02
CA VAL A 237 2.85 -21.61 -23.14
C VAL A 237 1.83 -20.48 -23.12
N GLU A 238 1.37 -20.07 -24.30
CA GLU A 238 0.42 -18.95 -24.38
C GLU A 238 -0.83 -19.25 -23.55
N LYS A 239 -1.36 -20.47 -23.67
CA LYS A 239 -2.58 -20.81 -22.95
C LYS A 239 -2.35 -20.91 -21.45
N ILE A 240 -1.13 -21.28 -21.03
CA ILE A 240 -0.81 -21.29 -19.61
C ILE A 240 -0.82 -19.88 -19.06
N LEU A 241 -0.29 -18.92 -19.82
CA LEU A 241 -0.29 -17.52 -19.37
C LEU A 241 -1.70 -16.98 -19.25
N GLN A 242 -2.55 -17.26 -20.24
CA GLN A 242 -3.94 -16.81 -20.16
C GLN A 242 -4.66 -17.51 -19.02
N TYR A 243 -4.41 -18.81 -18.83
CA TYR A 243 -4.98 -19.52 -17.69
C TYR A 243 -4.55 -18.87 -16.38
N ARG A 244 -3.26 -18.51 -16.27
CA ARG A 244 -2.76 -17.89 -15.06
C ARG A 244 -3.47 -16.57 -14.76
N GLU A 245 -3.63 -15.73 -15.79
CA GLU A 245 -4.29 -14.45 -15.60
C GLU A 245 -5.70 -14.63 -15.07
N LEU A 246 -6.50 -15.47 -15.74
CA LEU A 246 -7.90 -15.60 -15.38
C LEU A 246 -8.08 -16.22 -13.99
N THR A 247 -7.33 -17.28 -13.69
CA THR A 247 -7.48 -17.93 -12.39
C THR A 247 -6.96 -17.03 -11.26
N LYS A 248 -5.90 -16.27 -11.51
CA LYS A 248 -5.44 -15.30 -10.53
C LYS A 248 -6.53 -14.30 -10.20
N LEU A 249 -7.17 -13.74 -11.22
CA LEU A 249 -8.17 -12.70 -11.00
C LEU A 249 -9.43 -13.27 -10.40
N LYS A 250 -9.84 -14.47 -10.86
CA LYS A 250 -11.06 -15.09 -10.35
C LYS A 250 -10.90 -15.49 -8.89
N SER A 251 -9.76 -16.12 -8.55
CA SER A 251 -9.55 -16.62 -7.20
C SER A 251 -9.23 -15.51 -6.21
N THR A 252 -8.66 -14.41 -6.66
CA THR A 252 -8.23 -13.33 -5.76
C THR A 252 -9.26 -12.21 -5.63
N TYR A 253 -10.10 -11.97 -6.64
CA TYR A 253 -11.00 -10.82 -6.61
C TYR A 253 -12.45 -11.20 -6.91
N ILE A 254 -12.69 -11.80 -8.08
CA ILE A 254 -14.07 -12.01 -8.53
C ILE A 254 -14.85 -12.82 -7.50
N ASP A 255 -14.25 -13.88 -6.96
CA ASP A 255 -14.98 -14.81 -6.11
C ASP A 255 -14.95 -14.39 -4.65
N PRO A 256 -13.79 -13.95 -4.12
CA PRO A 256 -13.76 -13.60 -2.68
C PRO A 256 -14.52 -12.33 -2.34
N LEU A 257 -14.41 -11.29 -3.17
CA LEU A 257 -14.93 -9.98 -2.75
C LEU A 257 -16.43 -9.98 -2.50
N PRO A 258 -17.27 -10.54 -3.36
CA PRO A 258 -18.72 -10.49 -3.10
C PRO A 258 -19.11 -11.09 -1.76
N ASP A 259 -18.36 -12.07 -1.25
CA ASP A 259 -18.68 -12.70 0.02
C ASP A 259 -18.26 -11.86 1.22
N LEU A 260 -17.57 -10.75 1.02
CA LEU A 260 -17.07 -9.92 2.11
C LEU A 260 -17.90 -8.67 2.34
N ILE A 261 -19.07 -8.57 1.71
CA ILE A 261 -19.93 -7.42 1.93
C ILE A 261 -20.47 -7.47 3.35
N HIS A 262 -20.38 -6.35 4.06
CA HIS A 262 -20.79 -6.32 5.45
C HIS A 262 -22.32 -6.20 5.54
N PRO A 263 -22.96 -6.97 6.43
CA PRO A 263 -24.44 -6.96 6.45
C PRO A 263 -25.05 -5.62 6.85
N ARG A 264 -24.45 -4.92 7.81
CA ARG A 264 -25.05 -3.67 8.28
C ARG A 264 -24.81 -2.53 7.29
N THR A 265 -23.65 -2.51 6.64
CA THR A 265 -23.29 -1.42 5.74
C THR A 265 -23.63 -1.71 4.29
N GLY A 266 -23.68 -2.98 3.91
CA GLY A 266 -23.77 -3.33 2.50
C GLY A 266 -22.57 -2.90 1.69
N ARG A 267 -21.43 -2.69 2.33
CA ARG A 267 -20.23 -2.20 1.66
C ARG A 267 -19.04 -3.09 2.01
N LEU A 268 -17.93 -2.83 1.33
CA LEU A 268 -16.70 -3.60 1.48
C LEU A 268 -15.74 -2.81 2.36
N HIS A 269 -15.16 -3.46 3.37
CA HIS A 269 -14.34 -2.77 4.36
C HIS A 269 -12.95 -3.39 4.44
N THR A 270 -11.96 -2.63 4.01
CA THR A 270 -10.56 -3.01 4.15
C THR A 270 -10.02 -2.53 5.50
N ARG A 271 -8.78 -2.93 5.79
CA ARG A 271 -8.03 -2.41 6.91
C ARG A 271 -6.80 -1.69 6.37
N PHE A 272 -6.55 -0.48 6.87
CA PHE A 272 -5.35 0.27 6.48
C PHE A 272 -4.35 0.16 7.62
N ASN A 273 -3.36 -0.70 7.42
CA ASN A 273 -2.36 -0.99 8.45
C ASN A 273 -1.33 0.12 8.50
N GLN A 274 -1.12 0.68 9.69
CA GLN A 274 -0.34 1.90 9.85
C GLN A 274 1.09 1.65 10.29
N THR A 275 1.43 0.44 10.75
CA THR A 275 2.79 0.13 11.18
C THR A 275 3.22 -1.20 10.56
N ALA A 276 3.19 -1.25 9.22
CA ALA A 276 3.37 -2.50 8.48
C ALA A 276 4.53 -2.50 7.49
N THR A 277 5.05 -1.34 7.09
CA THR A 277 6.05 -1.27 6.04
C THR A 277 7.32 -0.60 6.55
N ALA A 278 8.43 -0.93 5.90
CA ALA A 278 9.75 -0.42 6.26
C ALA A 278 9.97 1.02 5.81
N THR A 279 9.12 1.54 4.93
CA THR A 279 9.35 2.85 4.32
C THR A 279 8.42 3.94 4.83
N GLY A 280 7.37 3.59 5.57
CA GLY A 280 6.37 4.55 5.98
C GLY A 280 5.10 4.50 5.16
N ARG A 281 5.06 3.67 4.13
CA ARG A 281 3.82 3.44 3.40
C ARG A 281 2.79 2.78 4.29
N LEU A 282 1.52 2.99 3.96
CA LEU A 282 0.46 2.15 4.48
C LEU A 282 0.43 0.83 3.72
N SER A 283 -0.24 -0.15 4.32
CA SER A 283 -0.66 -1.35 3.60
C SER A 283 -2.15 -1.54 3.83
N SER A 284 -2.74 -2.44 3.04
CA SER A 284 -4.16 -2.72 3.08
C SER A 284 -4.36 -4.21 3.10
N SER A 285 -5.29 -4.69 3.94
CA SER A 285 -5.49 -6.13 4.08
C SER A 285 -6.90 -6.44 4.52
N ASP A 286 -7.32 -7.67 4.26
CA ASP A 286 -8.53 -8.28 4.80
C ASP A 286 -9.81 -7.56 4.40
N PRO A 287 -10.03 -7.29 3.10
CA PRO A 287 -9.22 -7.62 1.93
C PRO A 287 -8.25 -6.51 1.57
N ASN A 288 -7.21 -6.85 0.80
CA ASN A 288 -6.32 -5.84 0.24
C ASN A 288 -7.05 -5.13 -0.90
N LEU A 289 -7.30 -3.83 -0.74
CA LEU A 289 -7.92 -3.02 -1.78
C LEU A 289 -6.91 -2.08 -2.43
N GLN A 290 -5.63 -2.22 -2.12
CA GLN A 290 -4.57 -1.49 -2.79
C GLN A 290 -3.97 -2.26 -3.96
N ASN A 291 -4.51 -3.43 -4.29
CA ASN A 291 -4.03 -4.21 -5.43
C ASN A 291 -5.19 -4.70 -6.28
N ILE A 292 -6.25 -3.91 -6.38
CA ILE A 292 -7.36 -4.25 -7.28
C ILE A 292 -6.88 -4.16 -8.72
N PRO A 293 -7.22 -5.12 -9.59
CA PRO A 293 -6.64 -5.13 -10.93
C PRO A 293 -6.98 -3.89 -11.73
N VAL A 294 -6.16 -3.65 -12.75
CA VAL A 294 -6.40 -2.54 -13.65
C VAL A 294 -5.72 -2.80 -15.00
N ARG A 295 -4.59 -3.52 -14.99
CA ARG A 295 -3.76 -3.62 -16.19
C ARG A 295 -4.50 -4.22 -17.38
N THR A 296 -5.12 -5.39 -17.18
CA THR A 296 -5.67 -6.14 -18.31
C THR A 296 -7.14 -5.84 -18.52
N PRO A 297 -7.68 -6.18 -19.69
CA PRO A 297 -9.12 -5.99 -19.93
C PRO A 297 -10.00 -6.60 -18.84
N LEU A 298 -9.73 -7.85 -18.44
CA LEU A 298 -10.52 -8.46 -17.39
C LEU A 298 -10.30 -7.76 -16.05
N GLY A 299 -9.06 -7.37 -15.78
CA GLY A 299 -8.81 -6.60 -14.57
C GLY A 299 -9.62 -5.32 -14.54
N GLN A 300 -9.73 -4.64 -15.69
CA GLN A 300 -10.54 -3.43 -15.77
C GLN A 300 -12.00 -3.73 -15.48
N ARG A 301 -12.53 -4.81 -16.05
CA ARG A 301 -13.90 -5.22 -15.73
C ARG A 301 -14.08 -5.40 -14.24
N ILE A 302 -13.09 -5.96 -13.56
CA ILE A 302 -13.19 -6.14 -12.11
C ILE A 302 -13.19 -4.80 -11.41
N ARG A 303 -12.32 -3.88 -11.83
CA ARG A 303 -12.26 -2.57 -11.19
C ARG A 303 -13.57 -1.81 -11.36
N ARG A 304 -14.30 -2.05 -12.46
CA ARG A 304 -15.59 -1.40 -12.67
C ARG A 304 -16.60 -1.75 -11.58
N ALA A 305 -16.38 -2.84 -10.84
CA ALA A 305 -17.32 -3.23 -9.80
C ALA A 305 -17.29 -2.30 -8.60
N PHE A 306 -16.25 -1.49 -8.47
CA PHE A 306 -16.13 -0.54 -7.37
C PHE A 306 -16.83 0.74 -7.77
N ILE A 307 -17.99 0.99 -7.16
CA ILE A 307 -18.93 2.00 -7.63
C ILE A 307 -19.31 2.93 -6.50
N ALA A 308 -19.89 4.07 -6.87
CA ALA A 308 -20.35 5.05 -5.92
C ALA A 308 -21.77 4.73 -5.47
N GLU A 309 -22.09 5.14 -4.24
N GLU A 309 -22.09 5.14 -4.24
CA GLU A 309 -23.46 5.03 -3.75
CA GLU A 309 -23.45 5.02 -3.76
C GLU A 309 -24.39 5.81 -4.66
C GLU A 309 -24.40 5.81 -4.66
N GLU A 310 -25.64 5.36 -4.72
CA GLU A 310 -26.66 6.06 -5.50
C GLU A 310 -26.74 7.52 -5.07
N GLY A 311 -26.65 8.43 -6.03
CA GLY A 311 -26.64 9.85 -5.77
C GLY A 311 -25.28 10.43 -5.49
N TRP A 312 -24.23 9.62 -5.52
CA TRP A 312 -22.86 10.06 -5.25
C TRP A 312 -21.98 9.77 -6.47
N LEU A 313 -20.74 10.26 -6.41
CA LEU A 313 -19.74 9.97 -7.42
C LEU A 313 -18.41 9.67 -6.74
N LEU A 314 -17.64 8.78 -7.36
CA LEU A 314 -16.26 8.57 -6.94
C LEU A 314 -15.38 9.66 -7.52
N VAL A 315 -14.41 10.10 -6.72
CA VAL A 315 -13.40 11.05 -7.17
C VAL A 315 -12.04 10.41 -6.90
N ALA A 316 -11.27 10.18 -7.95
CA ALA A 316 -9.95 9.55 -7.84
C ALA A 316 -8.87 10.58 -8.13
N LEU A 317 -7.92 10.72 -7.20
CA LEU A 317 -6.81 11.64 -7.33
C LEU A 317 -5.51 10.87 -7.21
N ASP A 318 -4.56 11.15 -8.09
CA ASP A 318 -3.31 10.39 -8.18
C ASP A 318 -2.18 11.36 -8.49
N TYR A 319 -1.17 11.40 -7.61
CA TYR A 319 -0.03 12.28 -7.84
C TYR A 319 0.69 11.90 -9.13
N SER A 320 1.12 12.91 -9.87
CA SER A 320 1.87 12.71 -11.11
C SER A 320 3.33 12.44 -10.81
N GLN A 321 3.85 11.33 -11.34
CA GLN A 321 5.29 11.03 -11.34
C GLN A 321 5.89 11.27 -9.95
N ILE A 322 5.21 10.81 -8.91
CA ILE A 322 5.43 11.39 -7.59
C ILE A 322 6.87 11.17 -7.13
N GLU A 323 7.36 9.93 -7.16
CA GLU A 323 8.69 9.69 -6.62
C GLU A 323 9.79 10.29 -7.47
N LEU A 324 9.52 10.56 -8.76
CA LEU A 324 10.48 11.33 -9.56
C LEU A 324 10.53 12.78 -9.09
N ARG A 325 9.37 13.37 -8.77
CA ARG A 325 9.35 14.73 -8.24
C ARG A 325 10.02 14.79 -6.87
N VAL A 326 9.73 13.82 -6.01
CA VAL A 326 10.41 13.73 -4.72
C VAL A 326 11.91 13.64 -4.93
N LEU A 327 12.34 12.83 -5.90
CA LEU A 327 13.77 12.68 -6.17
C LEU A 327 14.40 14.03 -6.52
N ALA A 328 13.73 14.80 -7.39
CA ALA A 328 14.24 16.12 -7.74
C ALA A 328 14.52 16.95 -6.50
N HIS A 329 13.60 16.91 -5.53
CA HIS A 329 13.74 17.73 -4.33
C HIS A 329 14.87 17.23 -3.44
N LEU A 330 14.88 15.93 -3.13
CA LEU A 330 15.90 15.39 -2.24
C LEU A 330 17.30 15.56 -2.83
N SER A 331 17.45 15.26 -4.12
CA SER A 331 18.77 15.32 -4.74
C SER A 331 19.18 16.75 -5.08
N GLY A 332 18.21 17.62 -5.36
CA GLY A 332 18.52 18.95 -5.84
C GLY A 332 19.05 18.99 -7.25
N ASP A 333 18.82 17.93 -8.03
CA ASP A 333 19.33 17.91 -9.40
C ASP A 333 18.68 19.03 -10.22
N GLU A 334 19.48 20.04 -10.56
CA GLU A 334 18.98 21.16 -11.34
C GLU A 334 18.28 20.67 -12.60
N ASN A 335 18.83 19.64 -13.25
CA ASN A 335 18.29 19.18 -14.52
C ASN A 335 16.94 18.51 -14.34
N LEU A 336 16.76 17.75 -13.26
CA LEU A 336 15.49 17.06 -13.04
C LEU A 336 14.40 18.04 -12.60
N ILE A 337 14.77 19.08 -11.85
CA ILE A 337 13.82 20.12 -11.50
C ILE A 337 13.25 20.77 -12.76
N ARG A 338 14.15 21.11 -13.70
CA ARG A 338 13.73 21.73 -14.95
C ARG A 338 12.67 20.90 -15.66
N VAL A 339 12.80 19.57 -15.61
CA VAL A 339 11.84 18.68 -16.26
C VAL A 339 10.43 19.00 -15.78
N PHE A 340 10.26 19.12 -14.46
CA PHE A 340 8.93 19.29 -13.89
C PHE A 340 8.48 20.75 -13.90
N GLN A 341 9.42 21.69 -13.81
CA GLN A 341 9.06 23.09 -14.01
C GLN A 341 8.62 23.36 -15.43
N GLU A 342 9.00 22.51 -16.38
CA GLU A 342 8.56 22.61 -17.77
C GLU A 342 7.36 21.73 -18.09
N GLY A 343 6.86 20.98 -17.11
CA GLY A 343 5.70 20.15 -17.34
C GLY A 343 5.93 18.94 -18.20
N ARG A 344 7.17 18.44 -18.27
CA ARG A 344 7.45 17.23 -19.02
C ARG A 344 6.98 15.99 -18.27
N ASP A 345 6.78 14.91 -19.00
CA ASP A 345 6.32 13.64 -18.45
C ASP A 345 7.33 12.56 -18.85
N ILE A 346 8.15 12.14 -17.88
CA ILE A 346 9.22 11.20 -18.17
C ILE A 346 8.66 9.82 -18.53
N HIS A 347 7.55 9.42 -17.90
CA HIS A 347 6.96 8.14 -18.23
C HIS A 347 6.51 8.09 -19.68
N THR A 348 5.89 9.17 -20.17
CA THR A 348 5.48 9.21 -21.57
C THR A 348 6.69 9.24 -22.50
N GLU A 349 7.76 9.92 -22.08
CA GLU A 349 8.94 10.05 -22.94
C GLU A 349 9.68 8.72 -23.05
N THR A 350 9.83 8.01 -21.92
CA THR A 350 10.37 6.65 -21.99
C THR A 350 9.45 5.76 -22.80
N ALA A 351 8.13 5.88 -22.59
CA ALA A 351 7.18 5.10 -23.38
C ALA A 351 7.36 5.36 -24.86
N SER A 352 7.43 6.63 -25.26
CA SER A 352 7.64 6.97 -26.66
C SER A 352 8.93 6.35 -27.18
N TRP A 353 9.99 6.37 -26.37
CA TRP A 353 11.26 5.79 -26.77
C TRP A 353 11.17 4.27 -26.86
N MET A 354 10.64 3.63 -25.81
CA MET A 354 10.57 2.18 -25.77
C MET A 354 9.86 1.62 -27.00
N PHE A 355 8.76 2.24 -27.40
CA PHE A 355 7.89 1.70 -28.43
C PHE A 355 8.07 2.35 -29.79
N GLY A 356 9.01 3.29 -29.92
CA GLY A 356 9.21 3.97 -31.19
C GLY A 356 7.94 4.66 -31.66
N VAL A 357 7.30 5.39 -30.75
CA VAL A 357 5.99 6.00 -31.00
C VAL A 357 6.06 7.46 -30.59
N PRO A 358 5.38 8.38 -31.29
CA PRO A 358 5.29 9.75 -30.78
C PRO A 358 4.37 9.82 -29.58
N ARG A 359 4.66 10.76 -28.68
CA ARG A 359 3.96 10.82 -27.40
C ARG A 359 2.46 10.89 -27.56
N GLU A 360 1.96 11.35 -28.71
CA GLU A 360 0.52 11.44 -28.91
C GLU A 360 -0.14 10.07 -28.90
N ALA A 361 0.61 9.02 -29.28
CA ALA A 361 0.05 7.68 -29.43
C ALA A 361 0.51 6.73 -28.33
N VAL A 362 1.05 7.26 -27.24
CA VAL A 362 1.39 6.44 -26.08
C VAL A 362 0.08 6.10 -25.35
N ASP A 363 -0.36 4.85 -25.45
CA ASP A 363 -1.55 4.41 -24.75
C ASP A 363 -1.21 4.14 -23.30
N PRO A 364 -2.23 4.01 -22.43
CA PRO A 364 -1.94 3.80 -21.01
C PRO A 364 -1.10 2.56 -20.73
N LEU A 365 -1.30 1.47 -21.48
CA LEU A 365 -0.51 0.27 -21.22
C LEU A 365 0.97 0.51 -21.52
N MET A 366 1.27 1.30 -22.56
CA MET A 366 2.66 1.66 -22.83
C MET A 366 3.24 2.44 -21.66
N ARG A 367 2.50 3.41 -21.14
CA ARG A 367 3.02 4.24 -20.05
C ARG A 367 3.29 3.40 -18.81
N ARG A 368 2.44 2.40 -18.54
N ARG A 368 2.45 2.41 -18.52
CA ARG A 368 2.69 1.50 -17.42
CA ARG A 368 2.74 1.52 -17.40
C ARG A 368 4.02 0.76 -17.59
C ARG A 368 4.06 0.81 -17.61
N ALA A 369 4.29 0.27 -18.81
CA ALA A 369 5.57 -0.34 -19.10
C ALA A 369 6.71 0.63 -18.84
N ALA A 370 6.55 1.88 -19.27
CA ALA A 370 7.62 2.85 -19.08
C ALA A 370 7.89 3.13 -17.62
N LYS A 371 6.86 2.99 -16.77
CA LYS A 371 7.05 3.29 -15.34
C LYS A 371 7.88 2.20 -14.66
N THR A 372 7.61 0.94 -14.98
CA THR A 372 8.46 -0.14 -14.48
C THR A 372 9.91 0.10 -14.90
N ILE A 373 10.12 0.45 -16.17
CA ILE A 373 11.47 0.75 -16.64
C ILE A 373 12.06 1.92 -15.87
N ASN A 374 11.35 3.05 -15.82
CA ASN A 374 11.89 4.26 -15.22
C ASN A 374 12.26 4.04 -13.76
N PHE A 375 11.35 3.46 -12.98
CA PHE A 375 11.65 3.22 -11.57
C PHE A 375 12.57 2.03 -11.40
N GLY A 376 12.40 0.99 -12.22
CA GLY A 376 13.34 -0.12 -12.20
C GLY A 376 14.78 0.34 -12.32
N VAL A 377 15.05 1.16 -13.34
CA VAL A 377 16.40 1.66 -13.55
C VAL A 377 16.84 2.55 -12.38
N LEU A 378 15.94 3.41 -11.90
CA LEU A 378 16.31 4.34 -10.84
C LEU A 378 16.83 3.60 -9.61
N TYR A 379 16.10 2.59 -9.17
CA TYR A 379 16.40 1.90 -7.92
C TYR A 379 17.34 0.72 -8.10
N GLY A 380 17.99 0.59 -9.26
CA GLY A 380 19.14 -0.29 -9.38
C GLY A 380 19.02 -1.47 -10.33
N MET A 381 18.08 -1.44 -11.27
CA MET A 381 17.97 -2.53 -12.23
C MET A 381 19.29 -2.72 -12.96
N SER A 382 19.64 -3.98 -13.22
CA SER A 382 20.89 -4.28 -13.89
C SER A 382 20.76 -4.05 -15.39
N ALA A 383 21.89 -3.71 -16.01
CA ALA A 383 21.94 -3.62 -17.46
C ALA A 383 21.42 -4.90 -18.10
N HIS A 384 21.86 -6.05 -17.58
CA HIS A 384 21.46 -7.32 -18.15
C HIS A 384 19.94 -7.47 -18.19
N ARG A 385 19.29 -7.34 -17.03
CA ARG A 385 17.84 -7.54 -16.99
C ARG A 385 17.13 -6.54 -17.89
N LEU A 386 17.55 -5.27 -17.87
CA LEU A 386 16.91 -4.28 -18.72
C LEU A 386 17.00 -4.68 -20.19
N SER A 387 18.19 -5.11 -20.63
CA SER A 387 18.33 -5.61 -21.99
C SER A 387 17.32 -6.71 -22.26
N GLN A 388 17.11 -7.59 -21.28
CA GLN A 388 16.12 -8.65 -21.42
C GLN A 388 14.70 -8.12 -21.25
N GLU A 389 14.53 -7.03 -20.49
CA GLU A 389 13.21 -6.46 -20.32
C GLU A 389 12.72 -5.79 -21.61
N LEU A 390 13.59 -5.05 -22.29
CA LEU A 390 13.22 -4.30 -23.48
C LEU A 390 13.41 -5.09 -24.76
N ALA A 391 13.63 -6.41 -24.68
CA ALA A 391 13.85 -7.23 -25.86
C ALA A 391 14.92 -6.61 -26.74
N ILE A 392 16.02 -6.22 -26.12
CA ILE A 392 17.01 -5.35 -26.77
C ILE A 392 18.41 -5.78 -26.37
N PRO A 393 19.38 -5.63 -27.28
CA PRO A 393 20.77 -6.01 -26.96
C PRO A 393 21.29 -5.38 -25.67
N TYR A 394 22.33 -6.00 -25.11
CA TYR A 394 22.91 -5.52 -23.86
C TYR A 394 23.60 -4.17 -24.03
N GLU A 395 24.14 -3.90 -25.22
CA GLU A 395 24.86 -2.65 -25.43
C GLU A 395 23.94 -1.45 -25.26
N GLU A 396 22.76 -1.49 -25.89
CA GLU A 396 21.83 -0.37 -25.81
C GLU A 396 21.28 -0.21 -24.41
N ALA A 397 20.63 -1.26 -23.89
CA ALA A 397 20.07 -1.20 -22.55
C ALA A 397 21.11 -0.73 -21.53
N GLN A 398 22.36 -1.12 -21.72
CA GLN A 398 23.45 -0.58 -20.91
C GLN A 398 23.58 0.92 -21.13
N ALA A 399 23.32 1.39 -22.35
CA ALA A 399 23.45 2.81 -22.67
C ALA A 399 22.23 3.62 -22.23
N PHE A 400 21.04 3.02 -22.25
CA PHE A 400 19.87 3.69 -21.70
C PHE A 400 20.12 4.10 -20.26
N ILE A 401 20.74 3.21 -19.48
CA ILE A 401 20.96 3.47 -18.06
C ILE A 401 22.02 4.55 -17.85
N GLU A 402 22.90 4.77 -18.83
CA GLU A 402 23.87 5.84 -18.72
C GLU A 402 23.27 7.18 -19.13
N ARG A 403 22.58 7.22 -20.27
CA ARG A 403 21.79 8.40 -20.62
C ARG A 403 20.94 8.84 -19.44
N TYR A 404 20.07 7.94 -18.97
CA TYR A 404 19.17 8.19 -17.86
C TYR A 404 19.85 8.92 -16.72
N PHE A 405 20.90 8.33 -16.15
CA PHE A 405 21.55 8.93 -14.99
C PHE A 405 22.43 10.11 -15.36
N GLN A 406 22.98 10.14 -16.58
CA GLN A 406 23.85 11.24 -16.95
C GLN A 406 23.10 12.56 -16.99
N SER A 407 21.85 12.54 -17.47
CA SER A 407 21.05 13.75 -17.55
C SER A 407 20.65 14.30 -16.19
N PHE A 408 20.94 13.58 -15.10
CA PHE A 408 20.61 14.03 -13.75
C PHE A 408 21.76 13.66 -12.81
N PRO A 409 22.90 14.33 -12.95
CA PRO A 409 24.10 13.91 -12.21
C PRO A 409 23.98 14.00 -10.70
N LYS A 410 23.21 14.95 -10.17
CA LYS A 410 23.08 15.07 -8.73
C LYS A 410 22.35 13.90 -8.09
N VAL A 411 21.79 12.99 -8.89
CA VAL A 411 21.09 11.83 -8.33
C VAL A 411 22.09 10.84 -7.74
N ARG A 412 23.03 10.37 -8.57
CA ARG A 412 24.06 9.47 -8.07
C ARG A 412 24.76 10.08 -6.86
N ALA A 413 25.03 11.38 -6.91
CA ALA A 413 25.64 12.06 -5.78
C ALA A 413 24.77 11.93 -4.54
N TRP A 414 23.46 12.10 -4.69
CA TRP A 414 22.56 11.93 -3.55
C TRP A 414 22.52 10.47 -3.10
N ILE A 415 22.51 9.54 -4.06
CA ILE A 415 22.55 8.12 -3.70
C ILE A 415 23.78 7.85 -2.85
N GLU A 416 24.95 8.28 -3.32
CA GLU A 416 26.18 8.00 -2.58
C GLU A 416 26.16 8.68 -1.21
N LYS A 417 25.67 9.92 -1.14
CA LYS A 417 25.55 10.58 0.16
C LYS A 417 24.63 9.81 1.08
N THR A 418 23.48 9.37 0.56
CA THR A 418 22.53 8.63 1.39
C THR A 418 23.17 7.36 1.93
N LEU A 419 23.91 6.63 1.10
CA LEU A 419 24.50 5.37 1.53
C LEU A 419 25.57 5.59 2.59
N GLU A 420 26.47 6.56 2.38
CA GLU A 420 27.49 6.83 3.39
C GLU A 420 26.86 7.19 4.72
N GLU A 421 25.83 8.02 4.71
CA GLU A 421 25.16 8.38 5.95
C GLU A 421 24.56 7.15 6.61
N GLY A 422 23.87 6.31 5.84
CA GLY A 422 23.32 5.09 6.39
C GLY A 422 24.37 4.19 7.02
N ARG A 423 25.53 4.08 6.38
CA ARG A 423 26.61 3.29 6.96
C ARG A 423 27.05 3.87 8.29
N ARG A 424 27.11 5.20 8.38
CA ARG A 424 27.67 5.86 9.56
C ARG A 424 26.71 5.80 10.74
N ARG A 425 25.49 6.30 10.56
CA ARG A 425 24.52 6.37 11.63
C ARG A 425 23.64 5.12 11.72
N GLY A 426 23.72 4.23 10.73
CA GLY A 426 22.97 2.99 10.75
C GLY A 426 21.57 3.08 10.20
N TYR A 427 21.15 4.23 9.68
CA TYR A 427 19.80 4.39 9.16
C TYR A 427 19.78 5.45 8.08
N VAL A 428 18.75 5.36 7.24
CA VAL A 428 18.42 6.40 6.27
C VAL A 428 17.13 7.07 6.75
N GLU A 429 16.79 8.19 6.13
CA GLU A 429 15.62 8.94 6.60
C GLU A 429 14.99 9.72 5.46
N THR A 430 13.69 10.00 5.65
CA THR A 430 12.90 10.76 4.69
C THR A 430 13.13 12.26 4.85
N LEU A 431 12.44 13.04 4.02
CA LEU A 431 12.49 14.50 4.13
C LEU A 431 12.07 14.98 5.51
N PHE A 432 11.16 14.26 6.16
CA PHE A 432 10.62 14.66 7.46
C PHE A 432 11.28 13.97 8.63
N GLY A 433 12.26 13.10 8.39
CA GLY A 433 12.96 12.45 9.47
C GLY A 433 12.47 11.08 9.84
N ARG A 434 11.53 10.50 9.08
CA ARG A 434 11.19 9.10 9.28
C ARG A 434 12.40 8.24 8.95
N ARG A 435 12.75 7.33 9.85
CA ARG A 435 13.99 6.58 9.75
C ARG A 435 13.73 5.13 9.37
N ARG A 436 14.70 4.54 8.68
CA ARG A 436 14.75 3.10 8.47
C ARG A 436 16.17 2.64 8.74
N TYR A 437 16.32 1.65 9.61
CA TYR A 437 17.64 1.12 9.94
C TYR A 437 18.02 0.04 8.94
N VAL A 438 19.20 0.19 8.35
CA VAL A 438 19.69 -0.73 7.32
C VAL A 438 21.09 -1.17 7.69
N PRO A 439 21.24 -2.10 8.64
CA PRO A 439 22.59 -2.46 9.10
C PRO A 439 23.41 -3.22 8.07
N ASP A 440 22.77 -3.89 7.11
CA ASP A 440 23.53 -4.69 6.15
C ASP A 440 24.33 -3.85 5.16
N LEU A 441 24.26 -2.51 5.23
CA LEU A 441 25.09 -1.68 4.37
C LEU A 441 26.58 -1.96 4.55
N GLU A 442 26.98 -2.55 5.67
CA GLU A 442 28.36 -2.93 5.90
C GLU A 442 28.55 -4.44 5.84
N ALA A 443 27.61 -5.15 5.23
CA ALA A 443 27.77 -6.59 5.04
C ALA A 443 29.01 -6.87 4.20
N ARG A 444 29.69 -7.96 4.51
CA ARG A 444 30.89 -8.37 3.79
C ARG A 444 30.59 -9.25 2.59
N VAL A 445 29.33 -9.67 2.42
CA VAL A 445 28.88 -10.39 1.23
C VAL A 445 28.29 -9.37 0.27
N LYS A 446 28.86 -9.27 -0.93
CA LYS A 446 28.46 -8.20 -1.84
C LYS A 446 26.97 -8.26 -2.16
N SER A 447 26.46 -9.44 -2.52
CA SER A 447 25.05 -9.56 -2.87
C SER A 447 24.16 -9.03 -1.74
N VAL A 448 24.47 -9.38 -0.49
CA VAL A 448 23.69 -8.90 0.64
C VAL A 448 23.88 -7.40 0.81
N ARG A 449 25.12 -6.93 0.75
CA ARG A 449 25.39 -5.51 0.92
C ARG A 449 24.67 -4.69 -0.15
N GLU A 450 24.80 -5.07 -1.42
CA GLU A 450 24.21 -4.29 -2.49
C GLU A 450 22.69 -4.34 -2.45
N ALA A 451 22.11 -5.46 -2.02
CA ALA A 451 20.67 -5.50 -1.80
C ALA A 451 20.27 -4.49 -0.73
N ALA A 452 21.00 -4.46 0.38
CA ALA A 452 20.70 -3.49 1.43
C ALA A 452 20.84 -2.06 0.92
N GLU A 453 21.82 -1.82 0.05
CA GLU A 453 22.01 -0.48 -0.49
C GLU A 453 20.81 -0.04 -1.32
N ARG A 454 20.23 -0.96 -2.10
CA ARG A 454 19.06 -0.60 -2.90
C ARG A 454 17.85 -0.32 -2.02
N MET A 455 17.67 -1.11 -0.95
CA MET A 455 16.62 -0.79 0.01
C MET A 455 16.88 0.55 0.67
N ALA A 456 18.14 0.84 0.98
CA ALA A 456 18.48 2.02 1.76
C ALA A 456 18.16 3.30 1.01
N PHE A 457 18.58 3.40 -0.25
CA PHE A 457 18.38 4.66 -0.96
C PHE A 457 17.02 4.76 -1.65
N ASN A 458 16.26 3.67 -1.70
CA ASN A 458 14.87 3.77 -2.10
C ASN A 458 14.03 4.39 -1.00
N MET A 459 14.33 4.07 0.26
CA MET A 459 13.44 4.43 1.37
C MET A 459 13.23 5.93 1.49
N PRO A 460 14.26 6.79 1.43
CA PRO A 460 13.99 8.22 1.52
C PRO A 460 13.04 8.71 0.44
N VAL A 461 13.11 8.14 -0.77
CA VAL A 461 12.24 8.57 -1.85
C VAL A 461 10.83 8.06 -1.63
N GLN A 462 10.66 6.74 -1.57
CA GLN A 462 9.35 6.16 -1.35
C GLN A 462 8.74 6.66 -0.04
N GLY A 463 9.56 6.80 1.01
CA GLY A 463 9.03 7.20 2.30
C GLY A 463 8.62 8.66 2.35
N THR A 464 9.36 9.53 1.69
CA THR A 464 8.94 10.93 1.58
C THR A 464 7.61 11.03 0.85
N ALA A 465 7.50 10.33 -0.28
CA ALA A 465 6.22 10.29 -0.98
C ALA A 465 5.11 9.81 -0.06
N ALA A 466 5.41 8.80 0.77
CA ALA A 466 4.41 8.32 1.73
C ALA A 466 4.11 9.38 2.78
N ASP A 467 5.14 10.08 3.26
CA ASP A 467 4.93 11.17 4.22
C ASP A 467 4.01 12.23 3.63
N LEU A 468 4.27 12.64 2.40
CA LEU A 468 3.45 13.66 1.75
C LEU A 468 2.00 13.24 1.67
N MET A 469 1.75 12.00 1.20
N MET A 469 1.75 12.00 1.21
CA MET A 469 0.37 11.54 1.08
CA MET A 469 0.39 11.50 1.08
C MET A 469 -0.30 11.50 2.45
C MET A 469 -0.30 11.46 2.43
N LYS A 470 0.39 10.95 3.46
CA LYS A 470 -0.18 10.93 4.81
C LYS A 470 -0.56 12.33 5.26
N LEU A 471 0.35 13.30 5.09
CA LEU A 471 0.07 14.67 5.52
C LEU A 471 -1.12 15.25 4.75
N ALA A 472 -1.21 14.94 3.46
CA ALA A 472 -2.33 15.42 2.66
C ALA A 472 -3.65 14.84 3.14
N MET A 473 -3.66 13.54 3.48
CA MET A 473 -4.87 12.92 4.02
C MET A 473 -5.29 13.60 5.32
N VAL A 474 -4.32 13.92 6.18
CA VAL A 474 -4.65 14.58 7.44
C VAL A 474 -5.27 15.95 7.17
N LYS A 475 -4.71 16.69 6.21
CA LYS A 475 -5.22 18.02 5.89
C LYS A 475 -6.57 17.95 5.21
N LEU A 476 -6.75 16.95 4.33
CA LEU A 476 -7.94 16.91 3.49
C LEU A 476 -9.17 16.43 4.24
N PHE A 477 -9.00 15.47 5.17
CA PHE A 477 -10.16 14.85 5.81
C PHE A 477 -11.14 15.85 6.41
N PRO A 478 -10.73 16.78 7.28
CA PRO A 478 -11.72 17.70 7.84
C PRO A 478 -12.40 18.55 6.78
N ARG A 479 -11.71 18.86 5.68
CA ARG A 479 -12.35 19.64 4.62
C ARG A 479 -13.44 18.83 3.94
N LEU A 480 -13.23 17.52 3.78
CA LEU A 480 -14.26 16.66 3.19
C LEU A 480 -15.47 16.55 4.10
N GLU A 481 -15.24 16.32 5.39
CA GLU A 481 -16.35 16.26 6.34
C GLU A 481 -17.22 17.50 6.23
N GLU A 482 -16.59 18.67 6.08
CA GLU A 482 -17.34 19.92 5.92
C GLU A 482 -18.29 19.85 4.74
N MET A 483 -17.88 19.18 3.67
CA MET A 483 -18.63 19.16 2.42
C MET A 483 -19.54 17.96 2.29
N GLY A 484 -19.68 17.15 3.34
CA GLY A 484 -20.48 15.96 3.26
C GLY A 484 -19.90 14.88 2.38
N ALA A 485 -18.60 14.92 2.11
CA ALA A 485 -17.93 13.92 1.30
C ALA A 485 -17.17 12.93 2.18
N ARG A 486 -16.69 11.86 1.55
CA ARG A 486 -16.08 10.75 2.25
C ARG A 486 -14.73 10.42 1.63
N MET A 487 -13.78 10.07 2.49
CA MET A 487 -12.53 9.47 2.05
C MET A 487 -12.68 7.95 2.15
N LEU A 488 -12.44 7.25 1.05
CA LEU A 488 -12.68 5.82 0.99
C LEU A 488 -11.40 4.99 0.96
N LEU A 489 -10.49 5.28 0.04
CA LEU A 489 -9.32 4.46 -0.15
C LEU A 489 -8.08 5.33 -0.35
N GLN A 490 -6.94 4.81 0.11
CA GLN A 490 -5.62 5.31 -0.25
C GLN A 490 -4.88 4.18 -0.95
N VAL A 491 -4.24 4.50 -2.07
CA VAL A 491 -3.41 3.53 -2.79
C VAL A 491 -2.05 4.16 -3.03
N HIS A 492 -1.35 4.44 -1.93
CA HIS A 492 0.05 4.87 -1.92
C HIS A 492 0.26 6.31 -2.39
N ASP A 493 -0.12 6.63 -3.63
CA ASP A 493 -0.08 8.02 -4.09
C ASP A 493 -1.41 8.44 -4.67
N GLU A 494 -2.49 7.74 -4.30
CA GLU A 494 -3.81 7.98 -4.85
C GLU A 494 -4.83 7.97 -3.73
N LEU A 495 -5.82 8.84 -3.83
CA LEU A 495 -6.98 8.82 -2.95
C LEU A 495 -8.24 8.63 -3.78
N VAL A 496 -9.14 7.80 -3.27
CA VAL A 496 -10.46 7.62 -3.85
C VAL A 496 -11.47 8.19 -2.86
N LEU A 497 -12.21 9.20 -3.30
CA LEU A 497 -13.22 9.84 -2.47
C LEU A 497 -14.61 9.52 -3.00
N GLU A 498 -15.60 9.79 -2.16
CA GLU A 498 -17.00 9.67 -2.51
C GLU A 498 -17.68 10.98 -2.14
N ALA A 499 -18.36 11.59 -3.10
CA ALA A 499 -18.96 12.90 -2.89
C ALA A 499 -20.38 12.90 -3.40
N PRO A 500 -21.28 13.65 -2.74
CA PRO A 500 -22.60 13.89 -3.32
C PRO A 500 -22.45 14.40 -4.76
N LYS A 501 -23.38 13.98 -5.62
CA LYS A 501 -23.27 14.31 -7.04
C LYS A 501 -23.15 15.81 -7.26
N GLU A 502 -23.88 16.60 -6.48
CA GLU A 502 -23.93 18.04 -6.70
CA GLU A 502 -23.94 18.05 -6.68
C GLU A 502 -22.71 18.78 -6.13
N ARG A 503 -21.88 18.11 -5.32
CA ARG A 503 -20.65 18.71 -4.84
C ARG A 503 -19.42 17.97 -5.33
N ALA A 504 -19.59 16.96 -6.19
CA ALA A 504 -18.45 16.18 -6.66
C ALA A 504 -17.40 17.08 -7.29
N GLU A 505 -17.81 17.99 -8.17
CA GLU A 505 -16.86 18.86 -8.84
C GLU A 505 -16.11 19.74 -7.83
N ALA A 506 -16.85 20.34 -6.89
CA ALA A 506 -16.21 21.14 -5.85
C ALA A 506 -15.22 20.33 -5.05
N VAL A 507 -15.60 19.10 -4.67
CA VAL A 507 -14.71 18.25 -3.89
C VAL A 507 -13.45 17.93 -4.67
N ALA A 508 -13.58 17.67 -5.98
CA ALA A 508 -12.42 17.32 -6.78
C ALA A 508 -11.44 18.48 -6.87
N ARG A 509 -11.95 19.69 -7.15
CA ARG A 509 -11.07 20.86 -7.18
C ARG A 509 -10.35 21.03 -5.85
N LEU A 510 -11.10 20.98 -4.74
CA LEU A 510 -10.52 21.19 -3.43
C LEU A 510 -9.46 20.13 -3.12
N ALA A 511 -9.82 18.86 -3.29
CA ALA A 511 -8.90 17.77 -2.97
C ALA A 511 -7.61 17.89 -3.78
N LYS A 512 -7.73 18.21 -5.07
CA LYS A 512 -6.56 18.39 -5.91
C LYS A 512 -5.65 19.48 -5.35
N GLU A 513 -6.23 20.62 -4.97
N GLU A 513 -6.23 20.62 -4.98
CA GLU A 513 -5.41 21.72 -4.47
CA GLU A 513 -5.42 21.73 -4.47
C GLU A 513 -4.75 21.37 -3.14
C GLU A 513 -4.75 21.36 -3.15
N VAL A 514 -5.48 20.67 -2.26
CA VAL A 514 -4.90 20.26 -0.99
C VAL A 514 -3.72 19.33 -1.22
N MET A 515 -3.88 18.38 -2.15
CA MET A 515 -2.82 17.40 -2.39
C MET A 515 -1.60 18.05 -3.04
N GLU A 516 -1.83 19.00 -3.95
CA GLU A 516 -0.70 19.64 -4.64
C GLU A 516 0.08 20.57 -3.73
N GLY A 517 -0.59 21.20 -2.76
CA GLY A 517 0.07 22.13 -1.87
C GLY A 517 0.35 21.57 -0.48
N VAL A 518 0.33 20.23 -0.35
CA VAL A 518 0.50 19.61 0.96
C VAL A 518 1.77 20.10 1.64
N TYR A 519 2.85 20.27 0.87
CA TYR A 519 4.15 20.65 1.40
C TYR A 519 5.02 21.08 0.22
N PRO A 520 5.04 22.37 -0.11
CA PRO A 520 5.74 22.80 -1.33
C PRO A 520 7.19 22.31 -1.38
N LEU A 521 7.58 21.81 -2.55
CA LEU A 521 8.93 21.33 -2.81
C LEU A 521 9.61 22.26 -3.80
N ALA A 522 10.81 21.86 -4.25
CA ALA A 522 11.51 22.61 -5.29
C ALA A 522 10.92 22.36 -6.67
N VAL A 523 9.97 21.44 -6.79
CA VAL A 523 9.23 21.20 -8.02
C VAL A 523 7.75 21.23 -7.68
N PRO A 524 6.88 21.61 -8.62
CA PRO A 524 5.45 21.54 -8.34
C PRO A 524 4.96 20.10 -8.25
N LEU A 525 4.01 19.87 -7.36
CA LEU A 525 3.27 18.62 -7.34
C LEU A 525 2.02 18.78 -8.19
N GLU A 526 1.80 17.83 -9.10
N GLU A 526 1.84 17.87 -9.14
CA GLU A 526 0.66 17.85 -10.00
CA GLU A 526 0.65 17.83 -9.97
C GLU A 526 -0.17 16.60 -9.75
C GLU A 526 -0.17 16.61 -9.62
N VAL A 527 -1.48 16.76 -9.65
CA VAL A 527 -2.40 15.69 -9.28
C VAL A 527 -3.41 15.51 -10.41
N GLU A 528 -3.49 14.29 -10.94
CA GLU A 528 -4.53 13.94 -11.89
C GLU A 528 -5.80 13.55 -11.13
N VAL A 529 -6.93 14.12 -11.53
CA VAL A 529 -8.19 13.89 -10.84
C VAL A 529 -9.24 13.46 -11.87
N GLY A 530 -10.08 12.51 -11.47
CA GLY A 530 -11.18 12.09 -12.30
C GLY A 530 -12.41 11.81 -11.46
N ILE A 531 -13.57 11.86 -12.10
CA ILE A 531 -14.86 11.66 -11.45
C ILE A 531 -15.67 10.69 -12.28
N GLY A 532 -16.30 9.73 -11.61
CA GLY A 532 -17.12 8.76 -12.33
C GLY A 532 -17.94 7.92 -11.37
N GLU A 533 -18.86 7.14 -11.96
CA GLU A 533 -19.70 6.23 -11.20
C GLU A 533 -18.94 5.01 -10.71
N ASP A 534 -17.77 4.73 -11.27
CA ASP A 534 -16.98 3.57 -10.87
C ASP A 534 -15.50 3.96 -10.87
N TRP A 535 -14.71 3.12 -10.21
CA TRP A 535 -13.30 3.45 -9.97
C TRP A 535 -12.54 3.58 -11.29
N LEU A 536 -12.82 2.71 -12.25
CA LEU A 536 -12.15 2.79 -13.54
C LEU A 536 -12.52 4.08 -14.27
N SER A 537 -13.82 4.41 -14.31
CA SER A 537 -14.26 5.60 -15.02
CA SER A 537 -14.26 5.61 -15.02
C SER A 537 -13.70 6.87 -14.39
N ALA A 538 -13.40 6.85 -13.10
CA ALA A 538 -12.90 8.02 -12.39
C ALA A 538 -11.40 8.23 -12.51
N LYS A 539 -10.69 7.40 -13.27
CA LYS A 539 -9.28 7.64 -13.54
C LYS A 539 -9.08 7.88 -15.03
N GLU A 540 -9.90 8.75 -15.61
CA GLU A 540 -9.86 8.99 -17.05
C GLU A 540 -10.11 7.70 -17.82
#